data_6BID
#
_entry.id   6BID
#
_cell.length_a   66.107
_cell.length_b   39.394
_cell.length_c   61.454
_cell.angle_alpha   90.000
_cell.angle_beta   108.560
_cell.angle_gamma   90.000
#
_symmetry.space_group_name_H-M   'C 1 2 1'
#
loop_
_entity.id
_entity.type
_entity.pdbx_description
1 polymer '3C-like protease'
2 non-polymer 'benzyl [(8S,11S,14S)-11-(cyclohexylmethyl)-8-(hydroxymethyl)-5,10,13-trioxo-1,4,9,12,17,18-hexaazabicyclo[14.2.1]nonadeca-16(19),17-dien-14-yl]carbamate'
3 water water
#
_entity_poly.entity_id   1
_entity_poly.type   'polypeptide(L)'
_entity_poly.pdbx_seq_one_letter_code
;MHHHHHHAPPTLWSRVTKFGSGWGFWVSPTVFITTTHVVPTGVKEFFGEPLSSIAIHQAGEFTQFRFSKKMRPDLTGMVL
EEGCPEGTVCSVLIKRDSGELLPLAVRMGAIASMRIQGRLVHGQSGMLLTGANAKGMDLGTIPGDCGAPYVHKRGNDWVV
CGVHAAATKSGNTVVCAVQAGEGETALE
;
_entity_poly.pdbx_strand_id   A
#
loop_
_chem_comp.id
_chem_comp.type
_chem_comp.name
_chem_comp.formula
DW4 non-polymer 'benzyl [(8S,11S,14S)-11-(cyclohexylmethyl)-8-(hydroxymethyl)-5,10,13-trioxo-1,4,9,12,17,18-hexaazabicyclo[14.2.1]nonadeca-16(19),17-dien-14-yl]carbamate' 'C29 H41 N7 O6'
#
# COMPACT_ATOMS: atom_id res chain seq x y z
N HIS A 7 -10.83 -11.28 -8.81
CA HIS A 7 -9.56 -11.58 -8.08
C HIS A 7 -8.38 -10.83 -8.65
N ALA A 8 -7.57 -10.25 -7.77
CA ALA A 8 -6.35 -9.62 -8.21
C ALA A 8 -5.51 -10.64 -8.99
N PRO A 9 -5.08 -10.34 -10.21
CA PRO A 9 -4.36 -11.35 -11.01
C PRO A 9 -2.92 -11.50 -10.57
N PRO A 10 -2.23 -12.56 -11.03
CA PRO A 10 -0.83 -12.77 -10.63
C PRO A 10 0.08 -11.59 -10.88
N THR A 11 -0.06 -10.89 -12.02
CA THR A 11 0.82 -9.77 -12.29
C THR A 11 0.63 -8.66 -11.27
N LEU A 12 -0.60 -8.48 -10.80
CA LEU A 12 -0.84 -7.46 -9.79
C LEU A 12 -0.13 -7.83 -8.48
N TRP A 13 -0.24 -9.10 -8.07
CA TRP A 13 0.48 -9.54 -6.87
C TRP A 13 2.00 -9.45 -7.03
N SER A 14 2.51 -9.62 -8.25
CA SER A 14 3.95 -9.59 -8.47
C SER A 14 4.56 -8.22 -8.18
N ARG A 15 3.73 -7.20 -8.06
CA ARG A 15 4.16 -5.86 -7.71
C ARG A 15 4.41 -5.68 -6.20
N VAL A 16 3.86 -6.56 -5.38
CA VAL A 16 3.97 -6.44 -3.92
C VAL A 16 5.34 -6.98 -3.51
N THR A 17 6.12 -6.16 -2.83
CA THR A 17 7.55 -6.39 -2.67
C THR A 17 7.96 -6.16 -1.22
N LYS A 18 8.68 -7.09 -0.64
CA LYS A 18 9.17 -6.94 0.71
C LYS A 18 10.01 -5.67 0.79
N PHE A 19 9.80 -4.86 1.83
CA PHE A 19 10.51 -3.59 1.91
C PHE A 19 10.57 -3.14 3.35
N GLY A 20 11.76 -2.92 3.85
CA GLY A 20 11.89 -2.44 5.22
C GLY A 20 11.20 -3.39 6.18
N SER A 21 10.40 -2.82 7.08
CA SER A 21 9.66 -3.62 8.05
C SER A 21 8.29 -4.02 7.54
N GLY A 22 8.02 -3.87 6.25
CA GLY A 22 6.73 -4.25 5.68
C GLY A 22 6.85 -4.54 4.21
N TRP A 23 6.06 -3.85 3.42
CA TRP A 23 5.93 -4.09 2.01
C TRP A 23 5.86 -2.77 1.28
N GLY A 24 6.09 -2.83 -0.03
CA GLY A 24 5.71 -1.77 -0.93
C GLY A 24 5.16 -2.34 -2.21
N PHE A 25 4.91 -1.45 -3.17
CA PHE A 25 4.18 -1.84 -4.37
C PHE A 25 4.70 -1.09 -5.57
N TRP A 26 5.02 -1.81 -6.66
CA TRP A 26 5.42 -1.18 -7.92
C TRP A 26 4.17 -0.76 -8.70
N VAL A 27 3.96 0.56 -8.79
CA VAL A 27 2.91 1.15 -9.63
C VAL A 27 3.26 1.06 -11.10
N SER A 28 4.56 1.11 -11.43
CA SER A 28 5.04 1.10 -12.80
C SER A 28 6.49 0.63 -12.75
N PRO A 29 7.18 0.58 -13.89
CA PRO A 29 8.60 0.17 -13.84
C PRO A 29 9.47 1.06 -13.00
N THR A 30 9.05 2.32 -12.77
CA THR A 30 9.88 3.30 -12.09
C THR A 30 9.30 3.79 -10.77
N VAL A 31 8.03 3.53 -10.47
CA VAL A 31 7.36 4.14 -9.31
C VAL A 31 7.02 3.04 -8.31
N PHE A 32 7.51 3.23 -7.07
CA PHE A 32 7.32 2.31 -5.95
C PHE A 32 6.69 3.10 -4.81
N ILE A 33 5.65 2.54 -4.20
CA ILE A 33 4.98 3.21 -3.09
C ILE A 33 5.00 2.32 -1.86
N THR A 34 4.95 2.96 -0.69
CA THR A 34 4.94 2.26 0.58
C THR A 34 4.45 3.21 1.65
N THR A 35 4.38 2.70 2.89
CA THR A 35 4.01 3.51 4.03
CA THR A 35 4.02 3.52 4.03
C THR A 35 5.27 4.01 4.71
N THR A 36 5.29 5.29 5.06
CA THR A 36 6.53 5.93 5.48
C THR A 36 7.18 5.21 6.65
N HIS A 37 6.41 4.80 7.66
CA HIS A 37 7.04 4.23 8.84
C HIS A 37 7.74 2.89 8.60
N VAL A 38 7.52 2.23 7.47
CA VAL A 38 8.24 1.00 7.21
C VAL A 38 9.57 1.23 6.47
N VAL A 39 9.80 2.44 5.98
CA VAL A 39 11.00 2.73 5.18
C VAL A 39 12.23 2.71 6.07
N PRO A 40 13.31 2.01 5.67
CA PRO A 40 14.57 2.10 6.41
C PRO A 40 15.14 3.53 6.37
N THR A 41 15.80 3.93 7.45
CA THR A 41 16.45 5.23 7.50
C THR A 41 17.96 5.07 7.56
N GLY A 42 18.67 6.12 7.16
CA GLY A 42 20.10 6.11 7.19
C GLY A 42 20.75 5.24 6.13
N VAL A 43 20.03 4.89 5.07
CA VAL A 43 20.57 4.03 4.03
C VAL A 43 21.00 4.86 2.83
N LYS A 44 21.88 4.29 2.02
CA LYS A 44 22.45 4.99 0.87
C LYS A 44 21.78 4.62 -0.44
N GLU A 45 20.87 3.66 -0.43
CA GLU A 45 20.31 3.14 -1.66
C GLU A 45 19.02 2.43 -1.31
N PHE A 46 18.19 2.30 -2.33
CA PHE A 46 17.01 1.44 -2.29
C PHE A 46 17.08 0.57 -3.53
N PHE A 47 16.95 -0.74 -3.34
CA PHE A 47 17.03 -1.70 -4.44
C PHE A 47 18.29 -1.51 -5.27
N GLY A 48 19.39 -1.14 -4.60
CA GLY A 48 20.68 -0.98 -5.23
C GLY A 48 20.89 0.35 -5.89
N GLU A 49 19.88 1.20 -5.96
CA GLU A 49 20.00 2.49 -6.61
C GLU A 49 20.36 3.57 -5.59
N PRO A 50 21.32 4.42 -5.95
CA PRO A 50 21.73 5.46 -5.01
C PRO A 50 20.63 6.49 -4.83
N LEU A 51 20.63 7.10 -3.65
CA LEU A 51 19.66 8.17 -3.38
C LEU A 51 19.67 9.23 -4.46
N SER A 52 20.84 9.55 -5.03
CA SER A 52 20.93 10.60 -6.02
C SER A 52 20.17 10.30 -7.31
N SER A 53 19.71 9.07 -7.47
CA SER A 53 18.98 8.66 -8.66
CA SER A 53 18.99 8.64 -8.66
C SER A 53 17.50 8.39 -8.37
N ILE A 54 17.01 8.80 -7.20
CA ILE A 54 15.63 8.54 -6.81
C ILE A 54 14.97 9.85 -6.43
N ALA A 55 13.80 10.11 -6.97
CA ALA A 55 12.99 11.24 -6.53
C ALA A 55 12.03 10.73 -5.47
N ILE A 56 12.15 11.25 -4.26
CA ILE A 56 11.31 10.85 -3.15
C ILE A 56 10.23 11.90 -2.95
N HIS A 57 9.00 11.43 -2.73
CA HIS A 57 7.87 12.31 -2.40
C HIS A 57 7.09 11.60 -1.31
N GLN A 58 7.17 12.13 -0.09
CA GLN A 58 6.43 11.53 1.00
C GLN A 58 5.77 12.60 1.86
N ALA A 59 4.60 12.24 2.36
CA ALA A 59 3.82 13.10 3.22
C ALA A 59 2.71 12.26 3.81
N GLY A 60 2.36 12.52 5.07
CA GLY A 60 1.16 11.91 5.63
C GLY A 60 1.17 10.40 5.69
N GLU A 61 2.34 9.80 5.86
CA GLU A 61 2.60 8.36 5.91
C GLU A 61 2.55 7.67 4.55
N PHE A 62 2.42 8.42 3.46
CA PHE A 62 2.53 7.87 2.12
C PHE A 62 3.88 8.23 1.54
N THR A 63 4.63 7.23 1.07
CA THR A 63 5.93 7.43 0.44
C THR A 63 5.90 6.92 -0.99
N GLN A 64 6.36 7.76 -1.89
CA GLN A 64 6.59 7.39 -3.29
C GLN A 64 8.07 7.56 -3.64
N PHE A 65 8.64 6.55 -4.30
CA PHE A 65 9.94 6.66 -4.92
CA PHE A 65 9.95 6.65 -4.91
C PHE A 65 9.77 6.58 -6.42
N ARG A 66 10.42 7.50 -7.13
CA ARG A 66 10.46 7.43 -8.59
C ARG A 66 11.93 7.26 -8.97
N PHE A 67 12.25 6.07 -9.48
CA PHE A 67 13.60 5.73 -9.83
C PHE A 67 13.92 6.30 -11.21
N SER A 68 15.15 6.77 -11.37
CA SER A 68 15.57 7.28 -12.68
CA SER A 68 15.54 7.29 -12.68
C SER A 68 15.66 6.17 -13.69
N LYS A 69 16.00 4.96 -13.26
CA LYS A 69 16.04 3.84 -14.19
C LYS A 69 14.83 2.94 -14.03
N LYS A 70 14.46 2.29 -15.12
CA LYS A 70 13.39 1.31 -15.14
C LYS A 70 13.82 0.10 -14.31
N MET A 71 13.21 -0.07 -13.14
CA MET A 71 13.56 -1.15 -12.22
C MET A 71 12.75 -2.42 -12.46
N ARG A 72 11.50 -2.27 -12.89
CA ARG A 72 10.60 -3.39 -13.10
C ARG A 72 9.98 -3.23 -14.49
N PRO A 73 10.80 -3.33 -15.55
CA PRO A 73 10.27 -3.17 -16.92
C PRO A 73 9.27 -4.25 -17.32
N ASP A 74 9.15 -5.32 -16.55
CA ASP A 74 8.08 -6.28 -16.79
C ASP A 74 6.68 -5.70 -16.57
N LEU A 75 6.55 -4.60 -15.84
CA LEU A 75 5.24 -4.11 -15.44
C LEU A 75 4.74 -2.98 -16.33
N THR A 76 3.44 -3.00 -16.59
CA THR A 76 2.76 -1.83 -17.11
C THR A 76 2.61 -0.80 -16.00
N GLY A 77 2.44 0.45 -16.41
CA GLY A 77 2.08 1.49 -15.46
C GLY A 77 0.60 1.45 -15.21
N MET A 78 0.21 1.45 -13.94
CA MET A 78 -1.20 1.49 -13.60
C MET A 78 -1.52 2.80 -12.90
N VAL A 79 -2.82 3.02 -12.70
CA VAL A 79 -3.28 4.28 -12.13
C VAL A 79 -3.17 4.22 -10.61
N LEU A 80 -2.51 5.22 -10.05
CA LEU A 80 -2.51 5.51 -8.62
C LEU A 80 -3.41 6.72 -8.38
N GLU A 81 -4.40 6.56 -7.50
CA GLU A 81 -5.31 7.62 -7.12
C GLU A 81 -5.20 7.92 -5.64
N GLU A 82 -5.63 9.12 -5.25
CA GLU A 82 -5.65 9.55 -3.84
C GLU A 82 -6.92 8.99 -3.19
N GLY A 83 -6.82 7.77 -2.67
CA GLY A 83 -7.98 7.11 -2.11
C GLY A 83 -8.97 6.76 -3.21
N CYS A 84 -10.18 6.40 -2.77
CA CYS A 84 -11.23 5.96 -3.67
C CYS A 84 -12.57 6.49 -3.19
N PRO A 85 -13.61 6.44 -4.02
CA PRO A 85 -14.92 6.89 -3.57
C PRO A 85 -15.38 6.13 -2.34
N GLU A 86 -16.08 6.82 -1.44
CA GLU A 86 -16.63 6.14 -0.28
C GLU A 86 -17.53 5.01 -0.75
N GLY A 87 -17.43 3.88 -0.05
CA GLY A 87 -18.21 2.71 -0.37
C GLY A 87 -17.51 1.74 -1.31
N THR A 88 -16.39 2.13 -1.92
CA THR A 88 -15.62 1.20 -2.73
C THR A 88 -15.16 0.04 -1.87
N VAL A 89 -15.26 -1.16 -2.41
CA VAL A 89 -14.66 -2.33 -1.78
C VAL A 89 -13.26 -2.49 -2.35
N CYS A 90 -12.26 -2.43 -1.49
CA CYS A 90 -10.88 -2.64 -1.88
C CYS A 90 -10.41 -4.00 -1.40
N SER A 91 -9.35 -4.45 -2.04
CA SER A 91 -8.57 -5.58 -1.58
CA SER A 91 -8.56 -5.58 -1.58
C SER A 91 -7.21 -5.06 -1.10
N VAL A 92 -6.82 -5.44 0.10
CA VAL A 92 -5.50 -5.12 0.63
C VAL A 92 -4.62 -6.33 0.31
N LEU A 93 -3.58 -6.12 -0.49
CA LEU A 93 -2.80 -7.23 -1.02
C LEU A 93 -1.68 -7.57 -0.04
N ILE A 94 -2.04 -8.31 1.00
CA ILE A 94 -1.11 -8.74 2.03
C ILE A 94 -0.44 -10.04 1.59
N LYS A 95 0.89 -10.03 1.58
CA LYS A 95 1.70 -11.21 1.38
C LYS A 95 2.31 -11.57 2.72
N ARG A 96 2.64 -12.84 2.88
CA ARG A 96 3.40 -13.27 4.04
C ARG A 96 4.74 -13.81 3.57
N ASP A 97 5.63 -14.07 4.53
CA ASP A 97 7.02 -14.40 4.19
C ASP A 97 7.13 -15.66 3.33
N SER A 98 6.24 -16.62 3.48
CA SER A 98 6.30 -17.81 2.66
C SER A 98 5.96 -17.55 1.19
N GLY A 99 5.38 -16.40 0.89
CA GLY A 99 4.84 -16.12 -0.43
C GLY A 99 3.34 -16.34 -0.53
N GLU A 100 2.72 -16.84 0.53
CA GLU A 100 1.27 -16.96 0.58
C GLU A 100 0.62 -15.60 0.40
N LEU A 101 -0.48 -15.58 -0.37
CA LEU A 101 -1.22 -14.37 -0.70
C LEU A 101 -2.49 -14.34 0.12
N LEU A 102 -2.72 -13.26 0.85
CA LEU A 102 -3.85 -13.18 1.79
C LEU A 102 -4.58 -11.87 1.58
N PRO A 103 -5.40 -11.78 0.52
CA PRO A 103 -6.13 -10.55 0.28
C PRO A 103 -7.16 -10.29 1.37
N LEU A 104 -7.26 -9.03 1.78
CA LEU A 104 -8.17 -8.60 2.82
C LEU A 104 -9.20 -7.65 2.19
N ALA A 105 -10.49 -8.00 2.30
CA ALA A 105 -11.54 -7.19 1.71
C ALA A 105 -12.01 -6.15 2.71
N VAL A 106 -12.10 -4.90 2.27
CA VAL A 106 -12.40 -3.75 3.12
CA VAL A 106 -12.47 -3.80 3.13
C VAL A 106 -13.37 -2.84 2.38
N ARG A 107 -14.34 -2.29 3.09
CA ARG A 107 -15.26 -1.30 2.56
C ARG A 107 -14.78 0.07 3.02
N MET A 108 -14.53 0.97 2.08
CA MET A 108 -13.86 2.22 2.43
C MET A 108 -14.85 3.30 2.84
N GLY A 109 -14.37 4.11 3.77
CA GLY A 109 -15.08 5.28 4.27
C GLY A 109 -14.37 6.57 3.90
N ALA A 110 -14.37 7.54 4.79
CA ALA A 110 -13.93 8.88 4.43
C ALA A 110 -12.42 9.01 4.33
N ILE A 111 -12.00 9.81 3.37
CA ILE A 111 -10.63 10.32 3.29
C ILE A 111 -10.51 11.51 4.23
N ALA A 112 -9.47 11.50 5.08
CA ALA A 112 -9.27 12.59 6.01
C ALA A 112 -7.84 12.60 6.51
N SER A 113 -7.43 13.74 7.06
CA SER A 113 -6.19 13.84 7.81
C SER A 113 -6.47 13.51 9.27
N MET A 114 -5.68 12.60 9.83
CA MET A 114 -5.90 12.16 11.21
C MET A 114 -4.56 11.89 11.84
N ARG A 115 -4.52 11.94 13.17
CA ARG A 115 -3.30 11.70 13.93
C ARG A 115 -3.37 10.31 14.53
N ILE A 116 -2.34 9.51 14.27
CA ILE A 116 -2.23 8.14 14.77
C ILE A 116 -0.87 8.01 15.42
N GLN A 117 -0.84 7.58 16.69
CA GLN A 117 0.40 7.51 17.45
C GLN A 117 1.21 8.78 17.27
N GLY A 118 0.54 9.92 17.32
CA GLY A 118 1.20 11.21 17.23
C GLY A 118 1.75 11.57 15.88
N ARG A 119 1.53 10.76 14.84
CA ARG A 119 1.97 11.09 13.49
C ARG A 119 0.77 11.45 12.63
N LEU A 120 0.96 12.42 11.75
CA LEU A 120 -0.07 12.78 10.79
C LEU A 120 -0.19 11.69 9.72
N VAL A 121 -1.38 11.13 9.59
CA VAL A 121 -1.70 10.20 8.52
C VAL A 121 -2.74 10.88 7.64
N HIS A 122 -2.39 11.13 6.38
CA HIS A 122 -3.39 11.54 5.40
C HIS A 122 -3.92 10.26 4.80
N GLY A 123 -5.15 9.89 5.15
CA GLY A 123 -5.54 8.52 4.90
C GLY A 123 -7.00 8.37 4.59
N GLN A 124 -7.39 7.12 4.44
CA GLN A 124 -8.78 6.76 4.25
C GLN A 124 -9.08 5.60 5.18
N SER A 125 -10.13 5.74 5.98
CA SER A 125 -10.57 4.69 6.87
CA SER A 125 -10.50 4.65 6.85
C SER A 125 -11.38 3.66 6.10
N GLY A 126 -11.46 2.46 6.64
CA GLY A 126 -12.28 1.43 6.04
C GLY A 126 -12.64 0.42 7.09
N MET A 127 -13.63 -0.41 6.75
CA MET A 127 -14.12 -1.44 7.65
CA MET A 127 -14.13 -1.44 7.64
C MET A 127 -13.85 -2.80 7.05
N LEU A 128 -13.24 -3.68 7.85
CA LEU A 128 -13.05 -5.04 7.39
C LEU A 128 -14.40 -5.66 7.12
N LEU A 129 -14.52 -6.36 5.98
CA LEU A 129 -15.75 -7.08 5.64
C LEU A 129 -15.67 -8.48 6.23
N THR A 130 -16.34 -8.69 7.35
CA THR A 130 -16.37 -10.01 7.99
C THR A 130 -16.89 -11.07 7.03
N GLY A 131 -17.83 -10.72 6.16
CA GLY A 131 -18.47 -11.66 5.27
C GLY A 131 -17.76 -11.91 3.96
N ALA A 132 -16.59 -11.30 3.74
CA ALA A 132 -15.82 -11.52 2.53
C ALA A 132 -14.41 -12.00 2.84
N ASN A 133 -14.14 -12.39 4.08
CA ASN A 133 -12.80 -12.74 4.52
C ASN A 133 -12.89 -14.03 5.32
N ALA A 134 -11.83 -14.84 5.23
CA ALA A 134 -11.74 -16.06 6.02
C ALA A 134 -11.39 -15.70 7.46
N LYS A 135 -11.98 -16.43 8.40
CA LYS A 135 -11.74 -16.17 9.82
C LYS A 135 -10.38 -16.71 10.21
N GLY A 136 -9.59 -15.91 10.91
CA GLY A 136 -8.28 -16.33 11.35
C GLY A 136 -7.62 -15.32 12.27
N ASP A 138 -5.13 -12.97 11.04
CA ASP A 138 -4.67 -11.74 11.65
C ASP A 138 -4.24 -10.77 10.58
N LEU A 139 -5.04 -10.70 9.51
CA LEU A 139 -4.66 -9.89 8.37
C LEU A 139 -4.76 -8.40 8.72
N GLY A 140 -3.68 -7.68 8.45
CA GLY A 140 -3.62 -6.26 8.69
C GLY A 140 -3.28 -5.85 10.10
N THR A 141 -3.09 -6.81 11.02
CA THR A 141 -2.93 -6.50 12.44
C THR A 141 -1.58 -6.97 13.00
N ILE A 142 -0.58 -7.12 12.13
CA ILE A 142 0.80 -7.34 12.56
C ILE A 142 1.68 -6.28 11.91
N PRO A 143 2.81 -5.90 12.51
CA PRO A 143 3.63 -4.81 11.92
C PRO A 143 4.05 -5.09 10.50
N GLY A 144 4.32 -6.36 10.18
CA GLY A 144 4.84 -6.71 8.88
C GLY A 144 3.88 -6.49 7.74
N ASP A 145 2.59 -6.28 8.05
CA ASP A 145 1.61 -6.06 6.98
C ASP A 145 1.56 -4.62 6.49
N CYS A 146 2.19 -3.67 7.18
CA CYS A 146 2.13 -2.30 6.71
C CYS A 146 2.85 -2.13 5.37
N GLY A 147 2.31 -1.23 4.56
CA GLY A 147 2.76 -0.97 3.22
C GLY A 147 2.01 -1.75 2.16
N ALA A 148 1.22 -2.74 2.54
CA ALA A 148 0.47 -3.50 1.57
C ALA A 148 -0.49 -2.59 0.80
N PRO A 149 -0.63 -2.75 -0.50
CA PRO A 149 -1.46 -1.82 -1.27
C PRO A 149 -2.95 -2.12 -1.16
N TYR A 150 -3.73 -1.05 -1.24
CA TYR A 150 -5.18 -1.12 -1.35
C TYR A 150 -5.52 -0.94 -2.83
N VAL A 151 -6.19 -1.92 -3.42
CA VAL A 151 -6.52 -1.90 -4.85
C VAL A 151 -8.01 -2.17 -5.06
N HIS A 152 -8.50 -1.73 -6.21
CA HIS A 152 -9.86 -2.07 -6.62
C HIS A 152 -9.91 -2.12 -8.14
N LYS A 153 -10.88 -2.86 -8.67
CA LYS A 153 -10.98 -3.06 -10.11
C LYS A 153 -12.02 -2.11 -10.67
N ARG A 154 -11.61 -1.38 -11.71
CA ARG A 154 -12.47 -0.42 -12.40
C ARG A 154 -12.51 -0.84 -13.87
N GLY A 155 -13.65 -1.37 -14.28
CA GLY A 155 -13.71 -2.00 -15.60
C GLY A 155 -12.79 -3.20 -15.63
N ASN A 156 -11.94 -3.28 -16.65
CA ASN A 156 -10.96 -4.34 -16.77
C ASN A 156 -9.60 -3.93 -16.20
N ASP A 157 -9.53 -2.82 -15.48
CA ASP A 157 -8.28 -2.27 -14.98
C ASP A 157 -8.29 -2.25 -13.46
N TRP A 158 -7.13 -2.49 -12.87
CA TRP A 158 -6.95 -2.35 -11.44
C TRP A 158 -6.35 -0.99 -11.14
N VAL A 159 -6.81 -0.40 -10.04
CA VAL A 159 -6.37 0.91 -9.57
C VAL A 159 -5.79 0.68 -8.18
N VAL A 160 -4.68 1.36 -7.87
CA VAL A 160 -4.14 1.36 -6.52
C VAL A 160 -4.44 2.72 -5.92
N CYS A 161 -4.86 2.72 -4.65
CA CYS A 161 -5.31 3.96 -4.05
C CYS A 161 -4.81 4.20 -2.64
N GLY A 162 -3.97 3.32 -2.08
CA GLY A 162 -3.43 3.59 -0.76
C GLY A 162 -2.51 2.46 -0.34
N VAL A 163 -1.89 2.66 0.82
CA VAL A 163 -0.96 1.69 1.42
C VAL A 163 -1.33 1.49 2.89
N HIS A 164 -1.28 0.25 3.35
CA HIS A 164 -1.77 -0.04 4.69
C HIS A 164 -0.92 0.65 5.74
N ALA A 165 -1.57 1.38 6.64
CA ALA A 165 -0.86 2.15 7.64
C ALA A 165 -1.28 1.83 9.06
N ALA A 166 -2.55 1.51 9.31
CA ALA A 166 -3.04 1.42 10.69
C ALA A 166 -4.26 0.51 10.73
N ALA A 167 -4.49 -0.05 11.92
CA ALA A 167 -5.71 -0.81 12.15
C ALA A 167 -5.90 -0.90 13.64
N THR A 168 -7.17 -0.98 14.06
CA THR A 168 -7.48 -1.22 15.46
C THR A 168 -6.96 -2.58 15.89
N LYS A 169 -6.95 -2.79 17.21
CA LYS A 169 -6.46 -4.03 17.79
C LYS A 169 -7.07 -5.24 17.10
N SER A 170 -8.39 -5.17 16.88
CA SER A 170 -9.15 -6.27 16.29
C SER A 170 -9.00 -6.36 14.79
N GLY A 171 -8.52 -5.29 14.15
CA GLY A 171 -8.46 -5.25 12.71
C GLY A 171 -9.75 -4.85 12.04
N ASN A 172 -10.81 -4.58 12.82
CA ASN A 172 -12.11 -4.30 12.21
C ASN A 172 -12.16 -2.95 11.52
N THR A 173 -11.32 -2.00 11.92
CA THR A 173 -11.23 -0.70 11.27
C THR A 173 -9.79 -0.51 10.85
N VAL A 174 -9.59 -0.14 9.58
CA VAL A 174 -8.27 0.02 9.02
C VAL A 174 -8.12 1.44 8.47
N VAL A 175 -6.86 1.83 8.23
CA VAL A 175 -6.56 3.08 7.55
C VAL A 175 -5.44 2.81 6.54
N CYS A 176 -5.66 3.24 5.30
CA CYS A 176 -4.56 3.34 4.35
C CYS A 176 -4.11 4.79 4.23
N ALA A 177 -2.80 4.98 4.12
CA ALA A 177 -2.30 6.28 3.73
C ALA A 177 -2.55 6.50 2.26
N VAL A 178 -2.85 7.74 1.87
CA VAL A 178 -3.14 8.09 0.49
C VAL A 178 -2.27 9.26 0.09
N GLN A 179 -2.00 9.33 -1.21
CA GLN A 179 -1.10 10.33 -1.77
C GLN A 179 -1.85 11.64 -2.03
N ALA A 180 -1.36 12.73 -1.46
CA ALA A 180 -2.02 14.02 -1.61
C ALA A 180 -1.57 14.74 -2.87
C33 DW4 B . -4.95 2.73 15.93
C33 DW4 B . -5.01 2.38 14.62
O42 DW4 B . -4.62 3.79 16.37
O42 DW4 B . -4.74 3.48 14.30
O34 DW4 B . -6.29 2.36 15.74
O34 DW4 B . -6.19 1.77 14.16
C35 DW4 B . -7.26 3.21 16.27
C35 DW4 B . -6.92 2.46 13.18
C36 DW4 B . -7.80 4.09 15.13
C36 DW4 B . -7.71 3.63 13.80
C37 DW4 B . -8.01 5.44 15.34
C37 DW4 B . -8.49 4.41 12.97
C38 DW4 B . -8.52 6.24 14.31
C38 DW4 B . -9.21 5.47 13.49
C39 DW4 B . -8.80 5.67 13.09
C39 DW4 B . -9.14 5.76 14.84
C40 DW4 B . -8.58 4.31 12.88
C40 DW4 B . -8.35 4.98 15.67
C41 DW4 B . -8.09 3.52 13.91
C41 DW4 B . -7.64 3.91 15.14
N18 DW4 B . -2.81 -3.12 14.10
N18 DW4 B . -2.78 -3.16 14.09
C19 DW4 B . -2.88 -4.15 15.13
C19 DW4 B . -2.80 -4.14 15.17
C20 DW4 B . -2.09 -3.76 16.38
C20 DW4 B . -1.97 -3.68 16.37
N29 DW4 B . -2.42 -2.40 16.81
N29 DW4 B . -2.36 -2.33 16.77
O01 DW4 B . -2.24 0.83 13.74
O01 DW4 B . -2.36 0.94 13.60
C02 DW4 B . -1.79 1.58 14.55
C02 DW4 B . -1.93 1.64 14.47
C25 DW4 B . -2.58 2.04 15.78
C25 DW4 B . -2.77 2.05 15.69
C26 DW4 B . -2.05 1.36 17.04
C26 DW4 B . -2.16 1.45 16.95
C27 DW4 B . -2.41 -0.11 17.12
C27 DW4 B . -2.45 -0.05 17.04
C28 DW4 B . -1.79 -1.25 16.49
C28 DW4 B . -1.76 -1.17 16.45
N30 DW4 B . -3.39 -2.02 17.62
N30 DW4 B . -3.38 -1.98 17.52
N31 DW4 B . -3.39 -0.70 17.80
N31 DW4 B . -3.44 -0.65 17.69
N32 DW4 B . -3.97 1.74 15.55
N32 DW4 B . -4.13 1.60 15.48
N13 DW4 B . 0.48 -0.24 11.78
N13 DW4 B . 0.47 -0.22 11.79
C14 DW4 B . 0.69 -1.66 11.48
C14 DW4 B . 0.67 -1.64 11.50
C15 DW4 B . -0.64 -2.25 11.00
C15 DW4 B . -0.64 -2.24 11.01
C16 DW4 B . -1.75 -2.07 12.03
C16 DW4 B . -1.75 -2.08 12.04
C17 DW4 B . -1.76 -3.17 13.09
C17 DW4 B . -1.68 -3.13 13.15
O21 DW4 B . -0.95 -4.04 13.12
O21 DW4 B . -0.78 -3.90 13.27
C22 DW4 B . 1.74 -1.78 10.39
C22 DW4 B . 1.75 -1.74 10.42
O23 DW4 B . 2.96 -1.26 10.84
O23 DW4 B . 2.98 -1.31 10.95
N03 DW4 B . -0.45 2.12 14.42
N03 DW4 B . -0.57 2.13 14.43
C04 DW4 B . 0.34 1.77 13.27
C04 DW4 B . 0.25 1.78 13.28
C12 DW4 B . 0.55 0.27 13.14
C12 DW4 B . 0.45 0.28 13.17
O24 DW4 B . 0.75 -0.44 14.08
O24 DW4 B . 0.59 -0.43 14.11
C05 DW4 B . 1.71 2.43 13.36
C05 DW4 B . 1.64 2.43 13.38
C06 DW4 B . 1.69 3.96 13.28
C06 DW4 B . 1.65 3.96 13.28
C11 DW4 B . 3.13 4.38 13.20
C11 DW4 B . 3.09 4.36 13.21
C10 DW4 B . 3.30 5.87 13.07
C10 DW4 B . 3.29 5.85 13.07
C09 DW4 B . 2.51 6.45 11.88
C09 DW4 B . 2.53 6.42 11.86
C08 DW4 B . 1.08 5.89 11.71
C08 DW4 B . 1.08 5.88 11.70
C07 DW4 B . 0.97 4.39 12.02
C07 DW4 B . 0.95 4.39 12.02
#